data_8VW0
#
_entry.id   8VW0
#
_cell.length_a   58.136
_cell.length_b   68.824
_cell.length_c   100.576
_cell.angle_alpha   90.00
_cell.angle_beta   90.00
_cell.angle_gamma   90.00
#
_symmetry.space_group_name_H-M   'P 21 21 21'
#
loop_
_entity.id
_entity.type
_entity.pdbx_description
1 polymer 'UDP-N-acetylmuramoylalanine--D-glutamate ligase'
2 non-polymer 'ADENOSINE MONOPHOSPHATE'
3 non-polymer 'MAGNESIUM ION'
4 non-polymer 'CALCIUM ION'
5 non-polymer (4S)-2-METHYL-2,4-PENTANEDIOL
6 non-polymer 'DIMETHYL SULFOXIDE'
7 water water
#
_entity_poly.entity_id   1
_entity_poly.type   'polypeptide(L)'
_entity_poly.pdbx_seq_one_letter_code
;MADYQGKNVVIIGLGLTGLSCVDFFLARGVTPRVMDTRMTPPGLDKLPEAVERHTGSLNDEWLMAADLIVASPGIALAHP
SLSAAADAGIEIVGDIELFCREAQAPIVAITGSNGKSTVTTLVGEMAKAAGVNVGVGGNIGLPALMLLDDECELYVLELS
SFQLETTSSLQAVAATILNVTEDHMDRYPFGLQQYRAA(KCX)LRIYENAKVCVVNADDALTMPIRGADERCVSFGVNMG
DYHLNHQQGETWLRVKGEKVLNVKEMKLSGQHNYTNALAALALADAAGLPRASSLKALTTFTGLPHRFEVVLEHNGVRWI
NDSKATNVGSTEAALNGLHVDGTLHLLLGGDGKSADFSPLARYLNGDNVRLYCFGRDGAQLAALRPEVAEQTETMEQAMR
LLAPRVQPGDMVLLSPACASLDQFKNFEQRGNEFARLAKELGGHHHHHH
;
_entity_poly.pdbx_strand_id   A
#
loop_
_chem_comp.id
_chem_comp.type
_chem_comp.name
_chem_comp.formula
AMP non-polymer 'ADENOSINE MONOPHOSPHATE' 'C10 H14 N5 O7 P'
CA non-polymer 'CALCIUM ION' 'Ca 2'
DMS non-polymer 'DIMETHYL SULFOXIDE' 'C2 H6 O S'
MG non-polymer 'MAGNESIUM ION' 'Mg 2'
MPD non-polymer (4S)-2-METHYL-2,4-PENTANEDIOL 'C6 H14 O2'
#
# COMPACT_ATOMS: atom_id res chain seq x y z
N ALA A 2 -28.49 2.55 2.58
CA ALA A 2 -28.98 3.01 3.88
C ALA A 2 -29.61 4.37 3.70
N ASP A 3 -30.38 4.79 4.70
CA ASP A 3 -31.16 6.02 4.63
C ASP A 3 -30.64 6.97 5.71
N TYR A 4 -30.19 8.15 5.30
CA TYR A 4 -29.64 9.12 6.24
C TYR A 4 -30.49 10.38 6.32
N GLN A 5 -31.65 10.40 5.67
CA GLN A 5 -32.48 11.58 5.66
C GLN A 5 -32.83 12.01 7.07
N GLY A 6 -32.64 13.29 7.34
CA GLY A 6 -33.03 13.85 8.61
C GLY A 6 -32.08 13.57 9.74
N LYS A 7 -30.90 13.02 9.47
CA LYS A 7 -29.91 12.78 10.51
C LYS A 7 -28.93 13.94 10.61
N ASN A 8 -28.45 14.15 11.83
CA ASN A 8 -27.34 15.05 12.13
C ASN A 8 -26.05 14.26 11.90
N VAL A 9 -25.40 14.52 10.77
CA VAL A 9 -24.19 13.81 10.36
C VAL A 9 -23.00 14.73 10.54
N VAL A 10 -21.96 14.23 11.19
CA VAL A 10 -20.74 15.00 11.43
C VAL A 10 -19.56 14.25 10.84
N ILE A 11 -18.83 14.91 9.94
CA ILE A 11 -17.65 14.34 9.29
C ILE A 11 -16.40 14.92 9.90
N ILE A 12 -15.43 14.07 10.23
CA ILE A 12 -14.12 14.50 10.71
C ILE A 12 -13.13 14.31 9.58
N GLY A 13 -12.56 15.41 9.11
CA GLY A 13 -11.52 15.36 8.08
C GLY A 13 -11.98 16.06 6.82
N LEU A 14 -11.11 16.97 6.32
CA LEU A 14 -11.36 17.73 5.10
C LEU A 14 -10.31 17.42 4.04
N GLY A 15 -9.65 16.28 4.12
CA GLY A 15 -8.91 15.79 2.99
C GLY A 15 -9.88 15.24 1.97
N LEU A 16 -9.32 14.58 0.95
CA LEU A 16 -10.14 14.08 -0.13
C LEU A 16 -11.14 13.04 0.38
N THR A 17 -10.76 12.22 1.37
CA THR A 17 -11.70 11.25 1.93
C THR A 17 -12.90 11.94 2.54
N GLY A 18 -12.66 12.94 3.41
CA GLY A 18 -13.77 13.64 4.03
C GLY A 18 -14.62 14.36 3.00
N LEU A 19 -13.98 14.91 1.97
CA LEU A 19 -14.74 15.58 0.91
C LEU A 19 -15.64 14.59 0.18
N SER A 20 -15.15 13.37 -0.05
CA SER A 20 -15.98 12.36 -0.70
C SER A 20 -17.17 12.01 0.17
N CYS A 21 -17.00 12.06 1.48
CA CYS A 21 -18.14 11.85 2.39
C CYS A 21 -19.12 13.02 2.29
N VAL A 22 -18.62 14.26 2.21
CA VAL A 22 -19.53 15.39 2.04
C VAL A 22 -20.39 15.18 0.79
N ASP A 23 -19.75 14.84 -0.34
CA ASP A 23 -20.45 14.62 -1.59
C ASP A 23 -21.49 13.53 -1.47
N PHE A 24 -21.13 12.43 -0.81
CA PHE A 24 -22.05 11.31 -0.62
C PHE A 24 -23.34 11.75 0.05
N PHE A 25 -23.24 12.52 1.12
CA PHE A 25 -24.46 12.96 1.80
C PHE A 25 -25.20 14.02 1.01
N LEU A 26 -24.49 14.98 0.40
CA LEU A 26 -25.18 15.99 -0.40
C LEU A 26 -25.99 15.35 -1.52
N ALA A 27 -25.44 14.31 -2.14
CA ALA A 27 -26.12 13.62 -3.23
C ALA A 27 -27.38 12.92 -2.75
N ARG A 28 -27.46 12.65 -1.45
CA ARG A 28 -28.60 12.01 -0.81
C ARG A 28 -29.49 13.02 -0.08
N GLY A 29 -29.31 14.32 -0.31
CA GLY A 29 -30.14 15.35 0.31
C GLY A 29 -29.90 15.58 1.78
N VAL A 30 -28.72 15.19 2.28
CA VAL A 30 -28.32 15.41 3.67
C VAL A 30 -27.17 16.41 3.66
N THR A 31 -27.30 17.47 4.46
CA THR A 31 -26.23 18.43 4.59
C THR A 31 -25.46 18.14 5.88
N PRO A 32 -24.25 17.60 5.79
CA PRO A 32 -23.51 17.26 7.00
C PRO A 32 -22.76 18.47 7.51
N ARG A 33 -22.26 18.34 8.74
CA ARG A 33 -21.27 19.26 9.29
C ARG A 33 -19.91 18.61 9.14
N VAL A 34 -18.86 19.43 9.02
CA VAL A 34 -17.51 18.93 8.84
CA VAL A 34 -17.51 18.93 8.84
C VAL A 34 -16.58 19.67 9.78
N MET A 35 -15.57 18.95 10.27
CA MET A 35 -14.55 19.57 11.09
C MET A 35 -13.19 18.98 10.72
N ASP A 36 -12.14 19.73 11.04
CA ASP A 36 -10.77 19.30 10.77
C ASP A 36 -9.88 20.04 11.75
N THR A 37 -8.89 19.35 12.32
CA THR A 37 -8.02 19.98 13.30
C THR A 37 -7.06 20.98 12.66
N ARG A 38 -6.81 20.88 11.35
CA ARG A 38 -6.02 21.88 10.67
C ARG A 38 -6.81 23.17 10.51
N MET A 39 -6.13 24.30 10.65
CA MET A 39 -6.83 25.58 10.57
C MET A 39 -7.29 25.86 9.14
N THR A 40 -6.46 25.48 8.15
CA THR A 40 -6.71 25.77 6.74
C THR A 40 -6.48 24.48 5.95
N PRO A 41 -7.35 23.49 6.13
CA PRO A 41 -7.18 22.23 5.40
C PRO A 41 -7.32 22.46 3.91
N PRO A 42 -6.76 21.57 3.08
CA PRO A 42 -6.79 21.82 1.63
C PRO A 42 -8.20 21.85 1.08
N GLY A 43 -9.06 20.93 1.50
CA GLY A 43 -10.39 20.80 0.97
C GLY A 43 -11.36 21.90 1.36
N LEU A 44 -10.93 22.87 2.16
CA LEU A 44 -11.86 23.88 2.63
C LEU A 44 -12.52 24.63 1.47
N ASP A 45 -11.76 24.98 0.44
CA ASP A 45 -12.32 25.80 -0.63
C ASP A 45 -13.02 24.97 -1.70
N LYS A 46 -13.26 23.68 -1.44
CA LYS A 46 -14.14 22.87 -2.28
C LYS A 46 -15.51 22.68 -1.66
N LEU A 47 -15.71 23.14 -0.42
CA LEU A 47 -16.97 22.94 0.26
C LEU A 47 -18.05 23.86 -0.27
N PRO A 48 -19.30 23.40 -0.30
CA PRO A 48 -20.41 24.31 -0.63
C PRO A 48 -20.71 25.21 0.55
N GLU A 49 -21.39 26.32 0.25
CA GLU A 49 -21.68 27.34 1.25
C GLU A 49 -22.54 26.79 2.39
N ALA A 50 -23.47 25.89 2.06
CA ALA A 50 -24.44 25.40 3.03
C ALA A 50 -23.85 24.46 4.08
N VAL A 51 -22.64 23.97 3.89
CA VAL A 51 -22.04 23.02 4.81
C VAL A 51 -21.36 23.78 5.94
N GLU A 52 -21.87 23.62 7.16
CA GLU A 52 -21.22 24.22 8.31
C GLU A 52 -19.89 23.53 8.58
N ARG A 53 -18.87 24.33 8.89
CA ARG A 53 -17.54 23.77 9.10
C ARG A 53 -16.85 24.44 10.28
N HIS A 54 -15.99 23.65 10.91
CA HIS A 54 -15.22 24.04 12.08
C HIS A 54 -13.80 23.56 11.83
N THR A 55 -12.85 24.48 11.84
CA THR A 55 -11.46 24.09 11.65
C THR A 55 -10.59 24.58 12.79
N GLY A 56 -9.39 24.02 12.83
CA GLY A 56 -8.40 24.34 13.83
C GLY A 56 -8.46 23.50 15.08
N SER A 57 -9.42 22.58 15.18
CA SER A 57 -9.62 21.71 16.33
C SER A 57 -10.86 20.88 16.05
N LEU A 58 -11.15 19.93 16.92
CA LEU A 58 -12.43 19.25 16.85
C LEU A 58 -13.44 20.07 17.65
N ASN A 59 -14.69 19.99 17.23
CA ASN A 59 -15.79 20.66 17.94
C ASN A 59 -16.53 19.57 18.71
N ASP A 60 -16.27 19.48 20.02
CA ASP A 60 -16.83 18.38 20.79
C ASP A 60 -18.36 18.46 20.84
N GLU A 61 -18.94 19.65 20.93
CA GLU A 61 -20.39 19.70 21.06
C GLU A 61 -21.05 19.24 19.76
N TRP A 62 -20.42 19.48 18.61
CA TRP A 62 -20.96 18.94 17.37
C TRP A 62 -20.93 17.41 17.40
N LEU A 63 -19.84 16.83 17.89
CA LEU A 63 -19.75 15.38 17.93
C LEU A 63 -20.79 14.80 18.88
N MET A 64 -20.96 15.41 20.06
CA MET A 64 -21.88 14.84 21.04
C MET A 64 -23.33 15.03 20.65
N ALA A 65 -23.62 15.88 19.67
CA ALA A 65 -24.98 16.07 19.19
C ALA A 65 -25.27 15.25 17.95
N ALA A 66 -24.27 14.56 17.39
CA ALA A 66 -24.43 13.87 16.12
C ALA A 66 -25.28 12.61 16.29
N ASP A 67 -26.00 12.26 15.23
CA ASP A 67 -26.59 10.92 15.09
C ASP A 67 -25.59 9.95 14.50
N LEU A 68 -24.63 10.45 13.72
CA LEU A 68 -23.66 9.65 13.01
C LEU A 68 -22.38 10.47 12.90
N ILE A 69 -21.27 9.89 13.32
CA ILE A 69 -19.95 10.49 13.15
C ILE A 69 -19.22 9.69 12.09
N VAL A 70 -18.72 10.38 11.07
CA VAL A 70 -17.96 9.76 9.98
C VAL A 70 -16.51 10.20 10.16
N ALA A 71 -15.66 9.29 10.61
CA ALA A 71 -14.30 9.63 11.02
C ALA A 71 -13.31 9.32 9.91
N SER A 72 -12.53 10.32 9.50
CA SER A 72 -11.39 10.09 8.62
C SER A 72 -10.52 8.99 9.19
N PRO A 73 -9.84 8.23 8.34
CA PRO A 73 -8.87 7.27 8.88
C PRO A 73 -7.71 7.93 9.60
N GLY A 74 -7.52 9.24 9.44
CA GLY A 74 -6.43 9.95 10.06
C GLY A 74 -6.61 10.32 11.50
N ILE A 75 -7.79 10.07 12.09
CA ILE A 75 -8.01 10.26 13.52
C ILE A 75 -8.25 8.91 14.20
N ALA A 76 -7.65 8.73 15.36
CA ALA A 76 -7.75 7.45 16.06
C ALA A 76 -9.07 7.33 16.82
N LEU A 77 -9.68 6.15 16.73
CA LEU A 77 -10.79 5.82 17.63
C LEU A 77 -10.43 6.06 19.09
N ALA A 78 -9.16 5.89 19.45
CA ALA A 78 -8.71 6.12 20.82
C ALA A 78 -8.56 7.60 21.17
N HIS A 79 -8.74 8.51 20.22
CA HIS A 79 -8.71 9.94 20.54
C HIS A 79 -9.78 10.26 21.58
N PRO A 80 -9.48 11.07 22.60
CA PRO A 80 -10.45 11.27 23.70
C PRO A 80 -11.82 11.78 23.27
N SER A 81 -11.90 12.68 22.28
CA SER A 81 -13.20 13.16 21.80
C SER A 81 -14.04 12.03 21.22
N LEU A 82 -13.41 11.14 20.42
CA LEU A 82 -14.16 10.02 19.86
C LEU A 82 -14.47 8.97 20.91
N SER A 83 -13.55 8.73 21.85
CA SER A 83 -13.87 7.84 22.95
C SER A 83 -15.07 8.35 23.73
N ALA A 84 -15.16 9.67 23.93
CA ALA A 84 -16.31 10.20 24.65
C ALA A 84 -17.59 10.00 23.85
N ALA A 85 -17.55 10.22 22.54
CA ALA A 85 -18.73 10.00 21.72
C ALA A 85 -19.15 8.53 21.74
N ALA A 86 -18.18 7.62 21.62
CA ALA A 86 -18.51 6.20 21.72
C ALA A 86 -19.06 5.86 23.09
N ASP A 87 -18.44 6.36 24.16
CA ASP A 87 -18.96 6.12 25.50
C ASP A 87 -20.41 6.55 25.63
N ALA A 88 -20.80 7.62 24.93
CA ALA A 88 -22.17 8.11 24.91
C ALA A 88 -23.07 7.33 23.96
N GLY A 89 -22.55 6.33 23.26
CA GLY A 89 -23.37 5.54 22.35
C GLY A 89 -23.56 6.12 20.97
N ILE A 90 -22.78 7.11 20.57
CA ILE A 90 -22.94 7.68 19.24
C ILE A 90 -22.24 6.80 18.23
N GLU A 91 -22.93 6.50 17.13
CA GLU A 91 -22.38 5.65 16.09
C GLU A 91 -21.23 6.33 15.37
N ILE A 92 -20.11 5.61 15.25
CA ILE A 92 -18.92 6.07 14.53
C ILE A 92 -18.65 5.09 13.39
N VAL A 93 -18.54 5.63 12.19
CA VAL A 93 -18.23 4.83 11.01
C VAL A 93 -17.16 5.58 10.23
N GLY A 94 -16.66 4.94 9.18
CA GLY A 94 -15.78 5.58 8.23
C GLY A 94 -16.33 5.53 6.81
N ASP A 95 -15.53 6.07 5.89
CA ASP A 95 -15.96 6.14 4.49
C ASP A 95 -16.19 4.74 3.91
N ILE A 96 -15.37 3.76 4.31
CA ILE A 96 -15.54 2.43 3.74
C ILE A 96 -16.82 1.80 4.26
N GLU A 97 -17.20 2.07 5.51
CA GLU A 97 -18.47 1.56 6.00
C GLU A 97 -19.62 2.14 5.19
N LEU A 98 -19.60 3.45 4.95
CA LEU A 98 -20.63 4.04 4.10
C LEU A 98 -20.66 3.38 2.73
N PHE A 99 -19.48 3.13 2.16
CA PHE A 99 -19.38 2.48 0.86
C PHE A 99 -20.00 1.08 0.87
N CYS A 100 -19.65 0.28 1.87
CA CYS A 100 -20.09 -1.11 1.85
C CYS A 100 -21.60 -1.22 2.00
N ARG A 101 -22.24 -0.25 2.66
CA ARG A 101 -23.69 -0.29 2.77
C ARG A 101 -24.38 -0.02 1.45
N GLU A 102 -23.70 0.61 0.50
CA GLU A 102 -24.29 1.01 -0.77
C GLU A 102 -23.76 0.23 -1.95
N ALA A 103 -22.67 -0.50 -1.81
CA ALA A 103 -22.05 -1.14 -2.96
C ALA A 103 -22.96 -2.23 -3.48
N GLN A 104 -23.17 -2.25 -4.79
CA GLN A 104 -24.07 -3.20 -5.42
C GLN A 104 -23.35 -4.14 -6.36
N ALA A 105 -22.03 -4.20 -6.27
CA ALA A 105 -21.25 -5.17 -7.01
C ALA A 105 -20.27 -5.82 -6.05
N PRO A 106 -19.72 -6.97 -6.42
CA PRO A 106 -18.75 -7.64 -5.54
C PRO A 106 -17.54 -6.79 -5.29
N ILE A 107 -16.97 -6.98 -4.10
CA ILE A 107 -15.80 -6.24 -3.60
C ILE A 107 -14.65 -7.21 -3.40
N VAL A 108 -13.53 -6.91 -4.05
CA VAL A 108 -12.22 -7.48 -3.73
C VAL A 108 -11.52 -6.48 -2.80
N ALA A 109 -11.12 -6.95 -1.63
CA ALA A 109 -10.61 -6.08 -0.59
C ALA A 109 -9.18 -6.46 -0.25
N ILE A 110 -8.29 -5.47 -0.32
CA ILE A 110 -6.86 -5.69 -0.19
C ILE A 110 -6.27 -4.80 0.91
N THR A 111 -5.66 -5.41 1.93
CA THR A 111 -4.89 -4.65 2.91
C THR A 111 -3.53 -5.32 3.06
N GLY A 112 -2.71 -4.74 3.92
CA GLY A 112 -1.35 -5.18 4.17
C GLY A 112 -0.45 -3.97 4.34
N SER A 113 0.70 -4.20 4.97
CA SER A 113 1.62 -3.12 5.26
C SER A 113 2.19 -2.51 3.99
N ASN A 114 2.59 -3.34 3.03
CA ASN A 114 3.22 -2.90 1.80
C ASN A 114 2.73 -3.76 0.64
N GLY A 115 2.66 -3.16 -0.55
CA GLY A 115 2.18 -3.82 -1.75
C GLY A 115 0.71 -3.61 -2.07
N LYS A 116 -0.05 -2.93 -1.21
CA LYS A 116 -1.48 -2.80 -1.45
C LYS A 116 -1.78 -2.15 -2.79
N SER A 117 -1.05 -1.09 -3.12
CA SER A 117 -1.37 -0.36 -4.34
C SER A 117 -1.06 -1.20 -5.57
N THR A 118 0.06 -1.92 -5.56
CA THR A 118 0.39 -2.75 -6.72
C THR A 118 -0.66 -3.84 -6.92
N VAL A 119 -1.03 -4.54 -5.85
CA VAL A 119 -1.95 -5.65 -6.00
C VAL A 119 -3.33 -5.14 -6.39
N THR A 120 -3.77 -4.03 -5.78
CA THR A 120 -5.05 -3.45 -6.16
C THR A 120 -5.08 -3.07 -7.63
N THR A 121 -4.04 -2.38 -8.10
CA THR A 121 -3.98 -1.97 -9.49
C THR A 121 -3.95 -3.18 -10.41
N LEU A 122 -3.22 -4.21 -10.01
CA LEU A 122 -3.09 -5.39 -10.86
C LEU A 122 -4.41 -6.17 -10.96
N VAL A 123 -5.12 -6.36 -9.84
CA VAL A 123 -6.44 -6.98 -9.93
C VAL A 123 -7.34 -6.14 -10.84
N GLY A 124 -7.25 -4.82 -10.71
CA GLY A 124 -8.00 -3.95 -11.62
C GLY A 124 -7.68 -4.21 -13.07
N GLU A 125 -6.40 -4.35 -13.41
CA GLU A 125 -6.02 -4.64 -14.78
C GLU A 125 -6.51 -6.01 -15.24
N MET A 126 -6.50 -7.01 -14.35
CA MET A 126 -7.06 -8.32 -14.68
C MET A 126 -8.54 -8.21 -15.02
N ALA A 127 -9.28 -7.40 -14.25
CA ALA A 127 -10.68 -7.18 -14.57
C ALA A 127 -10.85 -6.44 -15.89
N LYS A 128 -10.04 -5.42 -16.15
CA LYS A 128 -10.17 -4.69 -17.41
C LYS A 128 -9.88 -5.61 -18.60
N ALA A 129 -8.96 -6.55 -18.44
CA ALA A 129 -8.63 -7.46 -19.53
C ALA A 129 -9.79 -8.41 -19.82
N ALA A 130 -10.64 -8.65 -18.84
CA ALA A 130 -11.85 -9.42 -19.03
C ALA A 130 -13.01 -8.57 -19.53
N GLY A 131 -12.83 -7.27 -19.68
CA GLY A 131 -13.88 -6.41 -20.18
C GLY A 131 -14.85 -5.94 -19.11
N VAL A 132 -14.46 -6.06 -17.85
CA VAL A 132 -15.30 -5.71 -16.72
C VAL A 132 -15.17 -4.23 -16.42
N ASN A 133 -16.30 -3.58 -16.16
CA ASN A 133 -16.26 -2.17 -15.76
C ASN A 133 -15.98 -2.16 -14.28
N VAL A 134 -14.70 -2.16 -13.95
CA VAL A 134 -14.20 -2.28 -12.59
C VAL A 134 -13.93 -0.89 -12.03
N GLY A 135 -14.22 -0.74 -10.75
CA GLY A 135 -13.90 0.48 -10.02
C GLY A 135 -12.81 0.18 -9.01
N VAL A 136 -11.67 0.85 -9.19
CA VAL A 136 -10.46 0.60 -8.42
C VAL A 136 -10.15 1.83 -7.60
N GLY A 137 -9.98 1.67 -6.30
CA GLY A 137 -9.72 2.84 -5.48
C GLY A 137 -9.54 2.47 -4.03
N GLY A 138 -9.72 3.45 -3.17
CA GLY A 138 -9.49 3.31 -1.75
C GLY A 138 -8.20 4.00 -1.28
N ASN A 139 -7.24 4.17 -2.17
CA ASN A 139 -6.07 5.00 -1.85
C ASN A 139 -6.51 6.45 -1.61
N ILE A 140 -5.60 7.24 -1.05
CA ILE A 140 -5.97 8.60 -0.69
C ILE A 140 -6.34 9.42 -1.91
N GLY A 141 -5.76 9.11 -3.07
CA GLY A 141 -6.07 9.85 -4.28
C GLY A 141 -7.38 9.46 -4.96
N LEU A 142 -8.02 8.38 -4.54
CA LEU A 142 -9.28 7.94 -5.16
C LEU A 142 -10.14 7.28 -4.10
N PRO A 143 -10.78 8.08 -3.25
CA PRO A 143 -11.59 7.51 -2.16
C PRO A 143 -12.70 6.63 -2.71
N ALA A 144 -12.97 5.54 -1.99
CA ALA A 144 -13.92 4.54 -2.45
C ALA A 144 -15.28 5.13 -2.80
N LEU A 145 -15.78 6.06 -2.00
CA LEU A 145 -17.13 6.57 -2.28
C LEU A 145 -17.25 7.18 -3.67
N MET A 146 -16.14 7.69 -4.22
CA MET A 146 -16.23 8.27 -5.56
C MET A 146 -16.48 7.22 -6.61
N LEU A 147 -16.23 5.96 -6.29
CA LEU A 147 -16.42 4.86 -7.23
C LEU A 147 -17.87 4.40 -7.36
N LEU A 148 -18.70 4.67 -6.36
CA LEU A 148 -20.06 4.13 -6.37
C LEU A 148 -20.80 4.49 -7.63
N ASP A 149 -21.27 3.47 -8.33
CA ASP A 149 -22.00 3.69 -9.57
C ASP A 149 -22.76 2.43 -9.89
N ASP A 150 -24.03 2.57 -10.28
CA ASP A 150 -24.81 1.38 -10.58
C ASP A 150 -24.29 0.65 -11.81
N GLU A 151 -23.47 1.31 -12.64
CA GLU A 151 -22.83 0.68 -13.78
C GLU A 151 -21.61 -0.17 -13.41
N CYS A 152 -21.07 -0.01 -12.22
CA CYS A 152 -19.88 -0.76 -11.83
CA CYS A 152 -19.89 -0.76 -11.81
C CYS A 152 -20.23 -2.23 -11.62
N GLU A 153 -19.35 -3.09 -12.14
CA GLU A 153 -19.55 -4.53 -12.11
C GLU A 153 -18.64 -5.20 -11.11
N LEU A 154 -17.64 -4.49 -10.60
CA LEU A 154 -16.70 -5.05 -9.65
C LEU A 154 -15.95 -3.91 -9.01
N TYR A 155 -15.78 -3.95 -7.69
CA TYR A 155 -14.96 -3.00 -6.97
C TYR A 155 -13.71 -3.68 -6.44
N VAL A 156 -12.59 -3.02 -6.59
CA VAL A 156 -11.31 -3.47 -6.08
C VAL A 156 -10.79 -2.34 -5.18
N LEU A 157 -10.72 -2.60 -3.88
CA LEU A 157 -10.40 -1.59 -2.89
C LEU A 157 -9.10 -1.89 -2.16
N GLU A 158 -8.21 -0.88 -2.13
CA GLU A 158 -7.09 -0.83 -1.20
C GLU A 158 -7.61 -0.26 0.12
N LEU A 159 -7.45 -1.03 1.21
CA LEU A 159 -7.98 -0.64 2.53
C LEU A 159 -6.84 -0.58 3.53
N SER A 160 -6.79 0.49 4.31
CA SER A 160 -5.79 0.62 5.35
C SER A 160 -6.29 -0.01 6.65
N SER A 161 -5.35 -0.30 7.55
CA SER A 161 -5.77 -0.78 8.86
C SER A 161 -6.70 0.23 9.52
N PHE A 162 -6.44 1.53 9.29
CA PHE A 162 -7.26 2.57 9.91
C PHE A 162 -8.69 2.53 9.40
N GLN A 163 -8.88 2.33 8.10
CA GLN A 163 -10.23 2.26 7.56
C GLN A 163 -10.95 1.03 8.07
N LEU A 164 -10.24 -0.09 8.19
CA LEU A 164 -10.89 -1.32 8.63
C LEU A 164 -11.39 -1.19 10.07
N GLU A 165 -10.72 -0.39 10.89
CA GLU A 165 -11.14 -0.22 12.28
C GLU A 165 -12.57 0.30 12.41
N THR A 166 -13.04 1.08 11.44
CA THR A 166 -14.35 1.70 11.50
C THR A 166 -15.34 1.03 10.55
N THR A 167 -15.01 -0.14 10.04
CA THR A 167 -15.83 -0.83 9.04
C THR A 167 -16.36 -2.10 9.67
N SER A 168 -17.67 -2.33 9.55
CA SER A 168 -18.34 -3.52 10.06
C SER A 168 -19.15 -4.28 9.01
N SER A 169 -19.42 -3.69 7.84
CA SER A 169 -20.35 -4.24 6.86
C SER A 169 -19.69 -4.80 5.61
N LEU A 170 -18.37 -4.94 5.60
CA LEU A 170 -17.71 -5.47 4.40
C LEU A 170 -17.99 -6.95 4.28
N GLN A 171 -18.38 -7.38 3.08
CA GLN A 171 -18.57 -8.80 2.79
C GLN A 171 -17.84 -9.07 1.47
N ALA A 172 -16.52 -9.17 1.55
CA ALA A 172 -15.73 -9.27 0.34
C ALA A 172 -15.93 -10.62 -0.36
N VAL A 173 -15.95 -10.61 -1.70
CA VAL A 173 -15.92 -11.87 -2.44
C VAL A 173 -14.56 -12.52 -2.30
N ALA A 174 -13.52 -11.70 -2.16
CA ALA A 174 -12.16 -12.16 -1.90
C ALA A 174 -11.44 -11.05 -1.16
N ALA A 175 -10.68 -11.43 -0.14
CA ALA A 175 -9.96 -10.48 0.69
C ALA A 175 -8.57 -11.04 1.01
N THR A 176 -7.60 -10.14 1.15
CA THR A 176 -6.25 -10.53 1.53
C THR A 176 -5.67 -9.53 2.54
N ILE A 177 -4.83 -10.05 3.43
CA ILE A 177 -3.81 -9.27 4.13
C ILE A 177 -2.49 -9.70 3.50
N LEU A 178 -1.82 -8.80 2.80
CA LEU A 178 -0.64 -9.22 2.03
C LEU A 178 0.54 -9.52 2.94
N ASN A 179 0.67 -8.78 4.04
CA ASN A 179 1.78 -8.87 4.96
C ASN A 179 1.51 -7.92 6.12
N VAL A 180 2.24 -8.14 7.21
CA VAL A 180 2.14 -7.29 8.39
C VAL A 180 3.54 -7.04 8.93
N THR A 181 4.02 -5.79 8.85
CA THR A 181 5.34 -5.48 9.39
C THR A 181 5.20 -4.39 10.45
N GLU A 182 6.15 -4.38 11.40
CA GLU A 182 6.12 -3.43 12.52
C GLU A 182 6.15 -1.98 12.04
N ASP A 183 5.02 -1.51 11.52
CA ASP A 183 4.87 -0.12 11.10
C ASP A 183 3.55 0.42 11.63
N HIS A 184 3.36 1.73 11.49
CA HIS A 184 2.13 2.37 11.95
C HIS A 184 2.02 2.31 13.47
N MET A 185 3.14 2.33 14.18
CA MET A 185 3.11 2.00 15.60
C MET A 185 2.65 3.15 16.47
N ASP A 186 2.70 4.41 15.99
CA ASP A 186 2.11 5.50 16.76
C ASP A 186 0.63 5.24 17.01
N ARG A 187 -0.07 4.69 16.02
CA ARG A 187 -1.50 4.44 16.13
C ARG A 187 -1.84 3.16 16.88
N TYR A 188 -0.85 2.32 17.18
CA TYR A 188 -1.09 0.97 17.72
C TYR A 188 -0.16 0.76 18.90
N PRO A 189 -0.46 1.42 20.03
CA PRO A 189 0.46 1.42 21.17
C PRO A 189 0.65 0.05 21.80
N PHE A 190 -0.21 -0.93 21.51
CA PHE A 190 -0.07 -2.25 22.08
C PHE A 190 0.61 -3.20 21.12
N GLY A 191 1.18 -2.67 20.06
CA GLY A 191 2.16 -3.40 19.30
C GLY A 191 1.60 -4.12 18.11
N LEU A 192 2.41 -5.04 17.62
CA LEU A 192 2.17 -5.67 16.35
C LEU A 192 0.84 -6.42 16.30
N GLN A 193 0.42 -7.03 17.43
CA GLN A 193 -0.83 -7.79 17.35
C GLN A 193 -2.06 -6.89 17.36
N GLN A 194 -1.93 -5.66 17.88
CA GLN A 194 -3.05 -4.71 17.77
C GLN A 194 -3.18 -4.18 16.34
N TYR A 195 -2.07 -3.86 15.72
CA TYR A 195 -2.06 -3.49 14.30
C TYR A 195 -2.66 -4.60 13.46
N ARG A 196 -2.21 -5.84 13.70
CA ARG A 196 -2.76 -6.98 13.00
C ARG A 196 -4.26 -7.11 13.21
N ALA A 197 -4.74 -6.90 14.45
CA ALA A 197 -6.16 -7.08 14.75
C ALA A 197 -7.03 -6.21 13.85
N ALA A 198 -6.58 -5.00 13.57
CA ALA A 198 -7.32 -4.13 12.67
C ALA A 198 -7.43 -4.74 11.27
N KCX A 199 -6.32 -5.27 10.78
CA KCX A 199 -6.33 -5.82 9.44
CB KCX A 199 -4.91 -6.10 8.97
CG KCX A 199 -4.09 -4.84 8.68
CD KCX A 199 -2.71 -5.09 8.04
CE KCX A 199 -1.94 -3.78 7.74
NZ KCX A 199 -2.59 -2.87 6.82
C KCX A 199 -7.19 -7.09 9.37
O KCX A 199 -7.82 -7.35 8.34
CX KCX A 199 -2.17 -1.55 6.56
OQ1 KCX A 199 -2.93 -0.84 5.88
OQ2 KCX A 199 -1.06 -1.21 7.03
N LEU A 200 -7.18 -7.88 10.45
CA LEU A 200 -7.92 -9.15 10.47
C LEU A 200 -9.40 -8.93 10.24
N ARG A 201 -9.87 -7.72 10.50
CA ARG A 201 -11.28 -7.41 10.25
C ARG A 201 -11.67 -7.63 8.79
N ILE A 202 -10.70 -7.56 7.87
CA ILE A 202 -11.03 -7.67 6.45
C ILE A 202 -11.60 -9.04 6.12
N TYR A 203 -11.25 -10.07 6.90
CA TYR A 203 -11.71 -11.41 6.60
C TYR A 203 -13.11 -11.68 7.15
N GLU A 204 -13.66 -10.80 7.98
CA GLU A 204 -14.98 -11.05 8.53
C GLU A 204 -15.98 -11.07 7.39
N ASN A 205 -16.71 -12.16 7.27
CA ASN A 205 -17.69 -12.34 6.21
C ASN A 205 -17.11 -12.31 4.80
N ALA A 206 -15.80 -12.52 4.65
CA ALA A 206 -15.22 -12.70 3.32
C ALA A 206 -15.49 -14.12 2.84
N LYS A 207 -15.75 -14.26 1.53
CA LYS A 207 -16.06 -15.59 1.02
C LYS A 207 -14.80 -16.41 0.81
N VAL A 208 -13.73 -15.75 0.40
CA VAL A 208 -12.42 -16.36 0.18
C VAL A 208 -11.38 -15.48 0.84
N CYS A 209 -10.47 -16.09 1.59
CA CYS A 209 -9.37 -15.37 2.20
C CYS A 209 -8.08 -15.77 1.50
N VAL A 210 -7.40 -14.80 0.93
CA VAL A 210 -6.11 -15.02 0.27
C VAL A 210 -5.02 -14.63 1.27
N VAL A 211 -4.27 -15.62 1.72
CA VAL A 211 -3.34 -15.45 2.82
C VAL A 211 -1.91 -15.63 2.30
N ASN A 212 -0.96 -15.04 3.03
CA ASN A 212 0.46 -15.11 2.69
C ASN A 212 1.07 -16.28 3.45
N ALA A 213 1.42 -17.34 2.72
CA ALA A 213 2.02 -18.52 3.31
C ALA A 213 3.34 -18.24 4.03
N ASP A 214 3.99 -17.14 3.73
CA ASP A 214 5.25 -16.78 4.36
C ASP A 214 5.07 -15.81 5.53
N ASP A 215 3.85 -15.39 5.84
CA ASP A 215 3.61 -14.42 6.93
C ASP A 215 2.41 -14.86 7.76
N ALA A 216 2.68 -15.50 8.90
CA ALA A 216 1.62 -16.06 9.71
C ALA A 216 0.66 -15.00 10.23
N LEU A 217 1.09 -13.75 10.33
CA LEU A 217 0.16 -12.73 10.81
C LEU A 217 -0.95 -12.45 9.81
N THR A 218 -0.85 -12.92 8.56
CA THR A 218 -1.94 -12.75 7.60
C THR A 218 -3.01 -13.83 7.71
N MET A 219 -2.83 -14.82 8.58
CA MET A 219 -3.86 -15.85 8.71
C MET A 219 -5.05 -15.27 9.47
N PRO A 220 -6.27 -15.73 9.16
CA PRO A 220 -7.44 -15.28 9.93
C PRO A 220 -7.26 -15.55 11.41
N ILE A 221 -8.04 -14.84 12.21
CA ILE A 221 -7.74 -14.77 13.63
C ILE A 221 -7.79 -16.16 14.27
N ARG A 222 -8.71 -17.00 13.83
CA ARG A 222 -8.84 -18.35 14.38
C ARG A 222 -8.03 -19.40 13.62
N GLY A 223 -7.18 -18.99 12.68
CA GLY A 223 -6.33 -19.89 11.93
C GLY A 223 -6.85 -20.11 10.53
N ALA A 224 -6.11 -20.89 9.75
CA ALA A 224 -6.57 -21.18 8.40
C ALA A 224 -7.87 -21.97 8.47
N ASP A 225 -8.75 -21.73 7.50
CA ASP A 225 -10.02 -22.45 7.44
C ASP A 225 -10.31 -22.78 5.97
N GLU A 226 -11.50 -23.33 5.75
CA GLU A 226 -11.93 -23.79 4.43
C GLU A 226 -11.96 -22.68 3.38
N ARG A 227 -11.96 -21.42 3.79
CA ARG A 227 -12.01 -20.29 2.87
C ARG A 227 -10.65 -19.88 2.34
N CYS A 228 -9.58 -20.40 2.92
CA CYS A 228 -8.26 -19.83 2.72
C CYS A 228 -7.58 -20.43 1.51
N VAL A 229 -6.95 -19.56 0.74
CA VAL A 229 -6.10 -19.89 -0.40
C VAL A 229 -4.81 -19.14 -0.14
N SER A 230 -3.67 -19.81 -0.31
CA SER A 230 -2.40 -19.17 0.03
C SER A 230 -1.53 -18.86 -1.17
N PHE A 231 -0.72 -17.79 -1.02
CA PHE A 231 0.37 -17.48 -1.93
C PHE A 231 1.67 -17.42 -1.15
N GLY A 232 2.77 -17.77 -1.82
CA GLY A 232 4.06 -17.72 -1.16
C GLY A 232 5.19 -17.88 -2.15
N VAL A 233 6.41 -17.77 -1.61
CA VAL A 233 7.59 -17.93 -2.44
C VAL A 233 7.86 -19.41 -2.74
N ASN A 234 8.05 -20.22 -1.70
CA ASN A 234 8.47 -21.60 -1.90
C ASN A 234 7.33 -22.59 -2.03
N MET A 235 6.17 -22.29 -1.44
CA MET A 235 5.04 -23.20 -1.50
C MET A 235 3.75 -22.42 -1.20
N GLY A 236 2.63 -23.11 -1.29
CA GLY A 236 1.31 -22.52 -1.23
C GLY A 236 0.48 -22.85 -2.46
N ASP A 237 -0.81 -22.49 -2.39
CA ASP A 237 -1.66 -22.71 -3.57
C ASP A 237 -1.07 -22.01 -4.79
N TYR A 238 -0.53 -20.81 -4.58
CA TYR A 238 0.10 -19.99 -5.60
C TYR A 238 1.53 -19.75 -5.13
N HIS A 239 2.53 -20.17 -5.91
CA HIS A 239 3.90 -19.96 -5.44
C HIS A 239 4.83 -19.79 -6.63
N LEU A 240 6.12 -19.65 -6.33
CA LEU A 240 7.17 -19.46 -7.33
C LEU A 240 8.00 -20.74 -7.49
N ASN A 241 8.35 -21.04 -8.74
CA ASN A 241 9.20 -22.18 -9.09
C ASN A 241 10.41 -21.64 -9.84
N HIS A 242 11.61 -21.89 -9.31
CA HIS A 242 12.86 -21.48 -9.96
C HIS A 242 13.60 -22.74 -10.41
N GLN A 243 14.08 -22.74 -11.65
CA GLN A 243 14.98 -23.80 -12.06
C GLN A 243 15.61 -23.47 -13.40
N GLN A 244 16.78 -24.07 -13.66
CA GLN A 244 17.53 -23.86 -14.89
C GLN A 244 17.73 -22.37 -15.18
N GLY A 245 17.74 -21.53 -14.14
CA GLY A 245 17.84 -20.09 -14.31
C GLY A 245 16.53 -19.37 -14.58
N GLU A 246 15.42 -20.09 -14.65
CA GLU A 246 14.13 -19.51 -14.98
C GLU A 246 13.18 -19.60 -13.79
N THR A 247 12.16 -18.75 -13.81
CA THR A 247 11.17 -18.67 -12.75
C THR A 247 9.78 -18.69 -13.37
N TRP A 248 8.89 -19.44 -12.74
CA TRP A 248 7.51 -19.55 -13.19
C TRP A 248 6.59 -19.27 -12.02
N LEU A 249 5.45 -18.67 -12.34
CA LEU A 249 4.31 -18.68 -11.43
C LEU A 249 3.70 -20.07 -11.48
N ARG A 250 3.39 -20.62 -10.32
CA ARG A 250 2.85 -21.97 -10.21
C ARG A 250 1.57 -21.90 -9.38
N VAL A 251 0.53 -22.56 -9.87
CA VAL A 251 -0.78 -22.56 -9.21
C VAL A 251 -1.24 -24.00 -9.09
N LYS A 252 -1.49 -24.44 -7.86
CA LYS A 252 -1.99 -25.78 -7.56
C LYS A 252 -1.21 -26.85 -8.32
N GLY A 253 0.11 -26.72 -8.25
CA GLY A 253 0.99 -27.73 -8.80
C GLY A 253 1.28 -27.61 -10.28
N GLU A 254 0.85 -26.53 -10.93
CA GLU A 254 1.01 -26.37 -12.38
C GLU A 254 1.61 -25.00 -12.68
N LYS A 255 2.73 -25.00 -13.42
CA LYS A 255 3.22 -23.74 -13.96
C LYS A 255 2.12 -23.12 -14.81
N VAL A 256 1.94 -21.80 -14.65
CA VAL A 256 0.98 -21.06 -15.45
C VAL A 256 1.62 -19.97 -16.30
N LEU A 257 2.81 -19.50 -15.95
CA LEU A 257 3.41 -18.40 -16.68
C LEU A 257 4.89 -18.32 -16.35
N ASN A 258 5.70 -18.19 -17.39
CA ASN A 258 7.10 -17.87 -17.18
C ASN A 258 7.21 -16.38 -16.89
N VAL A 259 7.93 -16.00 -15.84
CA VAL A 259 7.95 -14.60 -15.44
C VAL A 259 8.64 -13.72 -16.48
N LYS A 260 9.37 -14.31 -17.43
CA LYS A 260 9.95 -13.52 -18.51
C LYS A 260 8.89 -12.90 -19.39
N GLU A 261 7.64 -13.37 -19.30
CA GLU A 261 6.54 -12.77 -20.05
C GLU A 261 5.98 -11.54 -19.34
N MET A 262 6.35 -11.32 -18.10
CA MET A 262 5.86 -10.19 -17.34
C MET A 262 6.82 -9.02 -17.49
N LYS A 263 6.33 -7.84 -17.12
CA LYS A 263 7.12 -6.63 -17.15
C LYS A 263 7.65 -6.23 -15.77
N LEU A 264 7.10 -6.79 -14.70
CA LEU A 264 7.55 -6.49 -13.36
C LEU A 264 8.84 -7.24 -13.03
N SER A 265 9.56 -6.71 -12.04
CA SER A 265 10.82 -7.25 -11.56
C SER A 265 10.73 -7.45 -10.06
N GLY A 266 11.53 -8.37 -9.54
CA GLY A 266 11.67 -8.54 -8.12
C GLY A 266 10.77 -9.60 -7.52
N GLN A 267 11.34 -10.41 -6.62
CA GLN A 267 10.57 -11.50 -6.02
C GLN A 267 9.27 -11.02 -5.39
N HIS A 268 9.29 -9.86 -4.70
CA HIS A 268 8.07 -9.42 -4.02
C HIS A 268 7.00 -8.98 -5.01
N ASN A 269 7.39 -8.46 -6.18
CA ASN A 269 6.39 -8.21 -7.21
C ASN A 269 5.84 -9.50 -7.81
N TYR A 270 6.66 -10.55 -7.89
CA TYR A 270 6.12 -11.84 -8.32
C TYR A 270 5.11 -12.38 -7.31
N THR A 271 5.36 -12.24 -6.00
CA THR A 271 4.35 -12.69 -5.05
C THR A 271 3.14 -11.76 -5.05
N ASN A 272 3.32 -10.47 -5.35
CA ASN A 272 2.17 -9.60 -5.58
C ASN A 272 1.35 -10.08 -6.77
N ALA A 273 2.02 -10.53 -7.82
CA ALA A 273 1.30 -11.06 -8.97
C ALA A 273 0.52 -12.32 -8.60
N LEU A 274 1.10 -13.16 -7.74
CA LEU A 274 0.40 -14.35 -7.29
C LEU A 274 -0.82 -13.98 -6.47
N ALA A 275 -0.65 -13.07 -5.51
CA ALA A 275 -1.78 -12.64 -4.71
C ALA A 275 -2.90 -12.08 -5.58
N ALA A 276 -2.55 -11.25 -6.56
CA ALA A 276 -3.55 -10.69 -7.47
C ALA A 276 -4.27 -11.80 -8.24
N LEU A 277 -3.52 -12.75 -8.77
CA LEU A 277 -4.14 -13.84 -9.51
C LEU A 277 -5.08 -14.65 -8.63
N ALA A 278 -4.67 -14.91 -7.38
CA ALA A 278 -5.54 -15.65 -6.47
C ALA A 278 -6.83 -14.88 -6.23
N LEU A 279 -6.73 -13.57 -6.02
CA LEU A 279 -7.92 -12.77 -5.77
C LEU A 279 -8.82 -12.74 -7.01
N ALA A 280 -8.21 -12.58 -8.18
CA ALA A 280 -8.96 -12.55 -9.43
C ALA A 280 -9.68 -13.87 -9.66
N ASP A 281 -8.96 -14.97 -9.47
CA ASP A 281 -9.55 -16.30 -9.61
C ASP A 281 -10.76 -16.46 -8.67
N ALA A 282 -10.59 -16.04 -7.41
CA ALA A 282 -11.64 -16.17 -6.40
C ALA A 282 -12.82 -15.28 -6.73
N ALA A 283 -12.58 -14.15 -7.38
CA ALA A 283 -13.64 -13.23 -7.79
C ALA A 283 -14.41 -13.73 -8.99
N GLY A 284 -13.96 -14.78 -9.65
CA GLY A 284 -14.63 -15.28 -10.83
C GLY A 284 -14.15 -14.69 -12.14
N LEU A 285 -13.03 -14.02 -12.16
CA LEU A 285 -12.49 -13.48 -13.41
C LEU A 285 -11.83 -14.61 -14.20
N PRO A 286 -11.97 -14.60 -15.52
CA PRO A 286 -11.37 -15.66 -16.33
C PRO A 286 -9.87 -15.70 -16.20
N ARG A 287 -9.36 -16.92 -16.05
CA ARG A 287 -7.93 -17.11 -15.87
C ARG A 287 -7.13 -16.56 -17.05
N ALA A 288 -7.62 -16.80 -18.27
CA ALA A 288 -6.82 -16.48 -19.44
C ALA A 288 -6.59 -14.97 -19.54
N SER A 289 -7.64 -14.17 -19.28
CA SER A 289 -7.43 -12.73 -19.34
C SER A 289 -6.67 -12.21 -18.13
N SER A 290 -6.73 -12.89 -17.00
CA SER A 290 -5.90 -12.48 -15.86
C SER A 290 -4.43 -12.71 -16.14
N LEU A 291 -4.08 -13.84 -16.79
CA LEU A 291 -2.70 -14.02 -17.20
C LEU A 291 -2.28 -13.02 -18.26
N LYS A 292 -3.19 -12.68 -19.18
CA LYS A 292 -2.84 -11.68 -20.19
C LYS A 292 -2.47 -10.36 -19.51
N ALA A 293 -3.19 -10.01 -18.45
CA ALA A 293 -2.90 -8.76 -17.75
C ALA A 293 -1.53 -8.80 -17.07
N LEU A 294 -1.09 -9.97 -16.59
CA LEU A 294 0.25 -10.09 -16.05
C LEU A 294 1.31 -9.78 -17.07
N THR A 295 1.02 -10.02 -18.36
CA THR A 295 2.03 -9.77 -19.37
C THR A 295 2.03 -8.32 -19.85
N THR A 296 0.96 -7.57 -19.62
CA THR A 296 0.88 -6.17 -20.05
C THR A 296 1.05 -5.15 -18.92
N PHE A 297 0.81 -5.55 -17.68
CA PHE A 297 0.89 -4.62 -16.55
C PHE A 297 2.31 -4.07 -16.37
N THR A 298 2.46 -2.75 -16.45
CA THR A 298 3.77 -2.12 -16.37
C THR A 298 4.29 -1.95 -14.95
N GLY A 299 3.42 -2.02 -13.95
CA GLY A 299 3.78 -1.65 -12.61
C GLY A 299 3.59 -0.16 -12.35
N LEU A 300 3.61 0.18 -11.12
CA LEU A 300 3.43 1.54 -10.67
C LEU A 300 4.79 2.24 -10.58
N PRO A 301 4.83 3.53 -10.85
CA PRO A 301 6.09 4.26 -10.68
C PRO A 301 6.56 4.14 -9.24
N HIS A 302 7.88 4.01 -9.08
CA HIS A 302 8.58 4.09 -7.78
C HIS A 302 8.41 2.82 -6.96
N ARG A 303 7.80 1.76 -7.52
CA ARG A 303 7.64 0.46 -6.87
C ARG A 303 8.58 -0.55 -7.51
N PHE A 304 9.79 -0.65 -6.99
CA PHE A 304 10.82 -1.50 -7.57
C PHE A 304 10.77 -1.43 -9.10
N GLU A 305 10.88 -0.20 -9.60
CA GLU A 305 10.69 0.13 -11.00
C GLU A 305 12.04 0.19 -11.70
N VAL A 306 12.19 -0.56 -12.79
CA VAL A 306 13.41 -0.49 -13.58
C VAL A 306 13.31 0.75 -14.47
N VAL A 307 14.11 1.77 -14.16
CA VAL A 307 14.09 3.00 -14.96
C VAL A 307 15.18 3.02 -16.02
N LEU A 308 16.15 2.12 -15.94
CA LEU A 308 17.22 2.06 -16.93
C LEU A 308 17.85 0.67 -16.86
N GLU A 309 18.02 0.04 -18.00
CA GLU A 309 18.84 -1.14 -18.12
C GLU A 309 19.79 -0.88 -19.27
N HIS A 310 21.06 -0.69 -18.96
CA HIS A 310 22.04 -0.35 -19.98
C HIS A 310 23.41 -0.85 -19.54
N ASN A 311 24.14 -1.42 -20.50
CA ASN A 311 25.48 -1.95 -20.26
C ASN A 311 25.46 -2.97 -19.11
N GLY A 312 24.39 -3.76 -19.05
CA GLY A 312 24.30 -4.79 -18.06
C GLY A 312 24.05 -4.32 -16.65
N VAL A 313 23.68 -3.06 -16.45
CA VAL A 313 23.40 -2.52 -15.13
C VAL A 313 21.93 -2.15 -15.09
N ARG A 314 21.23 -2.64 -14.07
CA ARG A 314 19.82 -2.33 -13.85
C ARG A 314 19.72 -1.28 -12.76
N TRP A 315 19.08 -0.15 -13.09
CA TRP A 315 18.88 0.96 -12.16
C TRP A 315 17.43 0.91 -11.73
N ILE A 316 17.19 0.71 -10.44
CA ILE A 316 15.89 0.36 -9.93
C ILE A 316 15.41 1.43 -8.96
N ASN A 317 14.30 2.05 -9.31
CA ASN A 317 13.68 3.09 -8.48
C ASN A 317 12.66 2.43 -7.57
N ASP A 318 13.02 2.30 -6.30
CA ASP A 318 12.11 1.81 -5.28
C ASP A 318 11.88 2.91 -4.25
N SER A 319 11.74 4.15 -4.73
CA SER A 319 11.57 5.27 -3.82
C SER A 319 10.32 5.14 -2.94
N LYS A 320 9.31 4.36 -3.34
CA LYS A 320 8.15 4.22 -2.45
C LYS A 320 8.49 3.40 -1.21
N ALA A 321 9.69 2.78 -1.17
CA ALA A 321 10.15 2.07 0.02
C ALA A 321 10.54 3.11 1.07
N THR A 322 9.55 3.57 1.82
CA THR A 322 9.75 4.61 2.81
C THR A 322 9.91 4.05 4.22
N ASN A 323 9.99 2.72 4.35
CA ASN A 323 10.04 2.06 5.66
C ASN A 323 10.89 0.81 5.53
N VAL A 324 11.24 0.24 6.68
CA VAL A 324 12.17 -0.88 6.71
C VAL A 324 11.54 -2.12 6.06
N GLY A 325 10.25 -2.35 6.30
CA GLY A 325 9.61 -3.53 5.75
C GLY A 325 9.61 -3.57 4.23
N SER A 326 9.46 -2.40 3.60
CA SER A 326 9.50 -2.31 2.14
C SER A 326 10.88 -2.66 1.60
N THR A 327 11.92 -2.13 2.24
CA THR A 327 13.27 -2.39 1.77
C THR A 327 13.68 -3.83 2.07
N GLU A 328 13.24 -4.36 3.21
CA GLU A 328 13.50 -5.77 3.51
C GLU A 328 12.92 -6.68 2.44
N ALA A 329 11.70 -6.39 1.99
CA ALA A 329 11.09 -7.20 0.93
C ALA A 329 11.80 -7.05 -0.40
N ALA A 330 12.40 -5.88 -0.66
CA ALA A 330 13.20 -5.69 -1.87
C ALA A 330 14.49 -6.50 -1.84
N LEU A 331 15.11 -6.60 -0.66
CA LEU A 331 16.36 -7.33 -0.55
C LEU A 331 16.18 -8.83 -0.45
N ASN A 332 15.02 -9.30 0.02
CA ASN A 332 14.79 -10.73 0.21
C ASN A 332 14.65 -11.45 -1.14
N GLY A 333 15.49 -12.46 -1.36
CA GLY A 333 15.50 -13.16 -2.64
C GLY A 333 16.04 -12.37 -3.81
N LEU A 334 16.77 -11.28 -3.55
CA LEU A 334 17.22 -10.40 -4.62
C LEU A 334 18.23 -11.12 -5.50
N HIS A 335 18.07 -11.01 -6.82
CA HIS A 335 18.92 -11.70 -7.78
C HIS A 335 19.84 -10.67 -8.44
N VAL A 336 21.14 -10.73 -8.12
CA VAL A 336 22.13 -9.83 -8.71
C VAL A 336 23.37 -10.62 -9.09
N ASP A 337 23.69 -10.63 -10.39
CA ASP A 337 24.87 -11.35 -10.88
C ASP A 337 26.17 -10.72 -10.40
N GLY A 338 26.25 -9.40 -10.38
CA GLY A 338 27.46 -8.73 -9.95
C GLY A 338 27.31 -8.11 -8.58
N THR A 339 27.55 -6.81 -8.48
CA THR A 339 27.48 -6.08 -7.21
C THR A 339 26.16 -5.33 -7.08
N LEU A 340 25.57 -5.42 -5.89
CA LEU A 340 24.45 -4.57 -5.53
C LEU A 340 24.98 -3.26 -4.95
N HIS A 341 24.62 -2.15 -5.58
CA HIS A 341 24.93 -0.82 -5.06
C HIS A 341 23.64 -0.30 -4.47
N LEU A 342 23.56 -0.27 -3.14
CA LEU A 342 22.29 -0.05 -2.44
C LEU A 342 22.29 1.36 -1.88
N LEU A 343 21.27 2.15 -2.23
CA LEU A 343 21.12 3.54 -1.78
C LEU A 343 20.11 3.56 -0.65
N LEU A 344 20.56 3.96 0.54
CA LEU A 344 19.74 4.05 1.74
C LEU A 344 19.81 5.47 2.26
N GLY A 345 18.69 6.05 2.62
CA GLY A 345 18.81 7.36 3.24
C GLY A 345 17.53 8.16 3.24
N GLY A 346 17.59 9.24 4.03
CA GLY A 346 16.46 10.12 4.26
C GLY A 346 16.14 10.21 5.74
N ASP A 347 14.88 10.51 6.03
CA ASP A 347 14.38 10.58 7.40
C ASP A 347 13.80 9.23 7.79
N GLY A 348 14.52 8.48 8.62
CA GLY A 348 14.13 7.14 9.00
C GLY A 348 13.10 7.02 10.10
N LYS A 349 12.67 8.12 10.70
CA LYS A 349 11.54 8.10 11.63
C LYS A 349 11.80 7.21 12.84
N SER A 350 13.07 7.11 13.26
CA SER A 350 13.49 6.40 14.46
C SER A 350 13.40 4.88 14.32
N ALA A 351 13.30 4.37 13.09
CA ALA A 351 13.10 2.94 12.90
C ALA A 351 14.28 2.13 13.44
N ASP A 352 14.00 0.87 13.77
CA ASP A 352 15.04 -0.13 13.95
C ASP A 352 15.47 -0.61 12.56
N PHE A 353 16.69 -0.29 12.15
CA PHE A 353 17.22 -0.83 10.90
C PHE A 353 17.88 -2.19 11.08
N SER A 354 18.01 -2.70 12.31
CA SER A 354 18.65 -3.99 12.52
C SER A 354 18.19 -5.07 11.56
N PRO A 355 16.89 -5.20 11.27
CA PRO A 355 16.45 -6.24 10.33
C PRO A 355 17.17 -6.22 8.99
N LEU A 356 17.58 -5.04 8.51
CA LEU A 356 18.25 -4.99 7.22
C LEU A 356 19.64 -5.61 7.27
N ALA A 357 20.23 -5.72 8.46
CA ALA A 357 21.63 -6.15 8.57
C ALA A 357 21.84 -7.54 7.96
N ARG A 358 20.87 -8.44 8.12
CA ARG A 358 21.11 -9.82 7.74
C ARG A 358 21.20 -10.02 6.22
N TYR A 359 20.81 -9.02 5.42
CA TYR A 359 20.93 -9.10 3.98
C TYR A 359 22.19 -8.44 3.45
N LEU A 360 22.97 -7.78 4.31
CA LEU A 360 24.04 -6.90 3.86
C LEU A 360 25.42 -7.50 4.06
N ASN A 361 25.51 -8.80 4.27
CA ASN A 361 26.78 -9.49 4.16
C ASN A 361 26.96 -9.95 2.73
N GLY A 362 27.92 -10.81 2.49
CA GLY A 362 28.26 -11.16 1.13
C GLY A 362 29.23 -10.13 0.59
N ASP A 363 30.14 -10.60 -0.28
CA ASP A 363 31.19 -9.75 -0.82
C ASP A 363 30.74 -8.95 -2.04
N ASN A 364 29.44 -8.89 -2.34
CA ASN A 364 28.95 -8.25 -3.55
C ASN A 364 27.93 -7.17 -3.22
N VAL A 365 28.16 -6.46 -2.11
CA VAL A 365 27.24 -5.42 -1.63
C VAL A 365 28.04 -4.19 -1.26
N ARG A 366 27.61 -3.03 -1.78
CA ARG A 366 28.13 -1.72 -1.39
C ARG A 366 26.98 -0.86 -0.95
N LEU A 367 27.16 -0.14 0.16
CA LEU A 367 26.14 0.77 0.69
C LEU A 367 26.51 2.22 0.43
N TYR A 368 25.52 3.01 0.05
CA TYR A 368 25.71 4.43 -0.24
C TYR A 368 24.59 5.12 0.53
N CYS A 369 24.93 5.76 1.63
CA CYS A 369 23.94 6.21 2.60
C CYS A 369 23.91 7.74 2.65
N PHE A 370 22.71 8.30 2.71
CA PHE A 370 22.59 9.75 2.58
C PHE A 370 21.43 10.25 3.43
N GLY A 371 21.24 11.57 3.42
CA GLY A 371 20.11 12.20 4.08
C GLY A 371 20.28 12.26 5.57
N ARG A 372 19.18 12.66 6.23
CA ARG A 372 19.18 12.90 7.67
C ARG A 372 19.85 11.78 8.44
N ASP A 373 19.52 10.52 8.11
CA ASP A 373 19.94 9.37 8.90
C ASP A 373 21.00 8.53 8.20
N GLY A 374 21.74 9.12 7.26
CA GLY A 374 22.78 8.38 6.56
C GLY A 374 23.76 7.68 7.48
N ALA A 375 24.20 8.34 8.56
CA ALA A 375 25.23 7.74 9.41
C ALA A 375 24.72 6.47 10.09
N GLN A 376 23.46 6.45 10.49
CA GLN A 376 22.89 5.25 11.11
C GLN A 376 22.84 4.10 10.11
N LEU A 377 22.52 4.40 8.86
CA LEU A 377 22.44 3.35 7.86
C LEU A 377 23.83 2.81 7.51
N ALA A 378 24.84 3.68 7.47
CA ALA A 378 26.19 3.20 7.23
C ALA A 378 26.67 2.27 8.34
N ALA A 379 26.24 2.52 9.58
CA ALA A 379 26.65 1.71 10.72
C ALA A 379 26.14 0.27 10.66
N LEU A 380 25.24 -0.04 9.72
CA LEU A 380 24.83 -1.43 9.54
C LEU A 380 26.02 -2.30 9.17
N ARG A 381 26.88 -1.81 8.27
CA ARG A 381 28.10 -2.53 7.90
C ARG A 381 29.14 -1.52 7.38
N PRO A 382 29.88 -0.88 8.28
CA PRO A 382 30.72 0.27 7.87
C PRO A 382 31.76 -0.05 6.81
N GLU A 383 32.30 -1.27 6.78
CA GLU A 383 33.45 -1.51 5.91
C GLU A 383 33.07 -1.51 4.43
N VAL A 384 31.78 -1.61 4.11
CA VAL A 384 31.31 -1.54 2.74
C VAL A 384 30.46 -0.30 2.49
N ALA A 385 30.44 0.66 3.41
CA ALA A 385 29.53 1.79 3.35
C ALA A 385 30.26 3.11 3.12
N GLU A 386 29.62 3.97 2.34
CA GLU A 386 30.01 5.36 2.19
C GLU A 386 28.81 6.24 2.49
N GLN A 387 29.08 7.45 2.96
CA GLN A 387 28.04 8.38 3.38
C GLN A 387 28.23 9.70 2.67
N THR A 388 27.14 10.23 2.11
CA THR A 388 27.12 11.54 1.49
C THR A 388 25.94 12.32 2.09
N GLU A 389 25.87 13.62 1.78
CA GLU A 389 24.69 14.39 2.17
C GLU A 389 23.47 13.99 1.34
N THR A 390 23.61 14.01 0.00
CA THR A 390 22.48 13.85 -0.90
C THR A 390 22.52 12.56 -1.70
N MET A 391 21.35 12.22 -2.25
CA MET A 391 21.24 11.09 -3.16
C MET A 391 22.08 11.30 -4.41
N GLU A 392 22.07 12.52 -4.98
CA GLU A 392 22.85 12.78 -6.18
C GLU A 392 24.33 12.54 -5.92
N GLN A 393 24.81 13.01 -4.77
CA GLN A 393 26.22 12.79 -4.43
C GLN A 393 26.54 11.30 -4.35
N ALA A 394 25.63 10.53 -3.74
CA ALA A 394 25.85 9.09 -3.62
C ALA A 394 25.86 8.41 -4.98
N MET A 395 24.95 8.80 -5.86
CA MET A 395 24.92 8.22 -7.21
C MET A 395 26.17 8.59 -8.00
N ARG A 396 26.71 9.79 -7.81
CA ARG A 396 27.93 10.15 -8.53
C ARG A 396 29.13 9.38 -8.01
N LEU A 397 29.06 8.93 -6.75
CA LEU A 397 30.12 8.09 -6.19
C LEU A 397 30.11 6.69 -6.80
N LEU A 398 28.92 6.11 -6.94
CA LEU A 398 28.84 4.72 -7.39
C LEU A 398 28.91 4.59 -8.90
N ALA A 399 28.52 5.63 -9.65
CA ALA A 399 28.43 5.48 -11.09
C ALA A 399 29.73 5.06 -11.76
N PRO A 400 30.92 5.57 -11.40
CA PRO A 400 32.14 5.10 -12.07
C PRO A 400 32.51 3.68 -11.71
N ARG A 401 31.84 3.07 -10.74
CA ARG A 401 32.24 1.75 -10.26
C ARG A 401 31.40 0.63 -10.86
N VAL A 402 30.26 0.94 -11.47
CA VAL A 402 29.35 -0.11 -11.87
C VAL A 402 29.95 -0.88 -13.03
N GLN A 403 29.60 -2.15 -13.10
CA GLN A 403 30.07 -3.06 -14.14
C GLN A 403 28.87 -3.87 -14.62
N PRO A 404 28.94 -4.45 -15.81
CA PRO A 404 27.83 -5.32 -16.24
C PRO A 404 27.59 -6.43 -15.21
N GLY A 405 26.32 -6.64 -14.91
CA GLY A 405 25.89 -7.56 -13.88
C GLY A 405 25.45 -6.88 -12.60
N ASP A 406 25.79 -5.60 -12.44
CA ASP A 406 25.46 -4.91 -11.21
C ASP A 406 24.01 -4.40 -11.21
N MET A 407 23.55 -4.07 -10.01
CA MET A 407 22.24 -3.45 -9.79
C MET A 407 22.48 -2.19 -8.97
N VAL A 408 21.82 -1.11 -9.35
CA VAL A 408 21.79 0.12 -8.55
C VAL A 408 20.37 0.25 -8.04
N LEU A 409 20.17 0.08 -6.73
CA LEU A 409 18.83 0.00 -6.13
C LEU A 409 18.62 1.19 -5.19
N LEU A 410 17.69 2.07 -5.55
CA LEU A 410 17.21 3.08 -4.60
C LEU A 410 16.05 2.45 -3.85
N SER A 411 16.30 1.99 -2.63
CA SER A 411 15.26 1.45 -1.74
C SER A 411 15.55 2.03 -0.38
N PRO A 412 15.15 3.30 -0.14
CA PRO A 412 15.82 4.10 0.90
C PRO A 412 15.51 3.70 2.33
N ALA A 413 14.39 3.00 2.59
CA ALA A 413 13.93 2.58 3.91
C ALA A 413 13.52 3.77 4.78
N CYS A 414 13.37 4.96 4.18
CA CYS A 414 13.18 6.22 4.87
C CYS A 414 12.23 7.12 4.09
N ALA A 415 11.58 8.01 4.81
CA ALA A 415 10.83 9.08 4.15
C ALA A 415 11.78 10.03 3.43
N SER A 416 11.21 10.77 2.49
CA SER A 416 11.98 11.65 1.61
C SER A 416 11.98 13.12 2.04
N LEU A 417 11.21 13.48 3.06
CA LEU A 417 10.87 14.88 3.27
C LEU A 417 12.00 15.70 3.87
N ASP A 418 13.12 15.08 4.25
CA ASP A 418 14.26 15.86 4.67
C ASP A 418 14.90 16.59 3.50
N GLN A 419 14.75 16.06 2.27
CA GLN A 419 15.42 16.61 1.10
C GLN A 419 14.55 16.73 -0.15
N PHE A 420 13.34 16.17 -0.17
CA PHE A 420 12.47 16.19 -1.32
C PHE A 420 11.05 16.62 -0.92
N LYS A 421 10.26 17.03 -1.91
CA LYS A 421 8.87 17.34 -1.67
C LYS A 421 8.04 16.10 -1.33
N ASN A 422 8.41 14.95 -1.88
CA ASN A 422 7.71 13.68 -1.64
C ASN A 422 8.53 12.58 -2.30
N PHE A 423 8.11 11.33 -2.07
CA PHE A 423 8.87 10.21 -2.63
C PHE A 423 8.82 10.18 -4.15
N GLU A 424 7.75 10.71 -4.74
CA GLU A 424 7.69 10.78 -6.21
C GLU A 424 8.80 11.66 -6.74
N GLN A 425 9.03 12.80 -6.10
CA GLN A 425 10.11 13.66 -6.56
C GLN A 425 11.45 12.96 -6.42
N ARG A 426 11.63 12.21 -5.32
CA ARG A 426 12.88 11.49 -5.09
C ARG A 426 13.10 10.42 -6.15
N GLY A 427 12.06 9.66 -6.50
CA GLY A 427 12.22 8.65 -7.54
C GLY A 427 12.42 9.26 -8.91
N ASN A 428 11.75 10.39 -9.18
CA ASN A 428 11.91 11.06 -10.47
C ASN A 428 13.32 11.61 -10.61
N GLU A 429 13.88 12.14 -9.52
CA GLU A 429 15.26 12.60 -9.55
C GLU A 429 16.23 11.44 -9.72
N PHE A 430 15.97 10.31 -9.06
CA PHE A 430 16.79 9.13 -9.29
C PHE A 430 16.75 8.72 -10.76
N ALA A 431 15.57 8.72 -11.37
CA ALA A 431 15.47 8.32 -12.77
C ALA A 431 16.29 9.26 -13.66
N ARG A 432 16.17 10.57 -13.43
CA ARG A 432 16.94 11.55 -14.21
C ARG A 432 18.44 11.31 -14.07
N LEU A 433 18.90 11.10 -12.83
CA LEU A 433 20.34 10.91 -12.62
C LEU A 433 20.82 9.57 -13.17
N ALA A 434 19.99 8.52 -13.09
CA ALA A 434 20.40 7.24 -13.65
C ALA A 434 20.64 7.38 -15.15
N LYS A 435 19.76 8.11 -15.83
CA LYS A 435 19.96 8.32 -17.27
C LYS A 435 21.16 9.20 -17.53
N GLU A 436 21.36 10.23 -16.70
CA GLU A 436 22.55 11.07 -16.86
C GLU A 436 23.82 10.25 -16.66
N LEU A 437 23.84 9.38 -15.66
CA LEU A 437 25.07 8.71 -15.22
C LEU A 437 25.26 7.33 -15.81
N GLY A 438 24.21 6.67 -16.27
CA GLY A 438 24.37 5.31 -16.74
C GLY A 438 23.82 5.04 -18.13
N GLY A 439 23.40 6.09 -18.83
CA GLY A 439 22.71 5.93 -20.10
C GLY A 439 23.63 6.06 -21.30
N HIS A 440 24.65 6.91 -21.17
CA HIS A 440 25.61 7.15 -22.25
C HIS A 440 24.98 7.91 -23.41
P AMP B . 2.66 -0.18 -2.98
O1P AMP B . 2.42 -1.24 -4.03
O2P AMP B . 2.76 1.26 -3.45
O3P AMP B . 1.82 -0.23 -1.71
O5' AMP B . 4.14 -0.50 -2.51
C5' AMP B . 4.71 0.18 -1.40
C4' AMP B . 6.17 -0.15 -1.20
O4' AMP B . 6.27 -1.52 -0.75
C3' AMP B . 7.06 -0.04 -2.44
O3' AMP B . 8.40 0.26 -2.04
C2' AMP B . 7.01 -1.46 -2.98
O2' AMP B . 8.07 -1.82 -3.82
C1' AMP B . 6.99 -2.27 -1.69
N9 AMP B . 6.34 -3.57 -1.82
C8 AMP B . 5.66 -4.02 -2.89
N7 AMP B . 5.20 -5.26 -2.68
C5 AMP B . 5.60 -5.61 -1.45
C6 AMP B . 5.44 -6.79 -0.63
N6 AMP B . 4.74 -7.83 -1.11
N1 AMP B . 5.99 -6.79 0.62
C2 AMP B . 6.68 -5.72 1.09
N3 AMP B . 6.87 -4.60 0.36
C4 AMP B . 6.36 -4.50 -0.88
MG MG C . 8.93 -18.53 6.58
CA CA D . -8.65 16.00 11.34
CA CA E . 28.51 13.06 4.84
CA CA F . 8.18 10.35 1.66
CA CA G . -10.04 13.36 5.28
CA CA H . 15.45 11.26 13.62
CA CA I . 32.32 9.38 1.50
C1 MPD J . 2.84 -23.20 3.28
C2 MPD J . 2.12 -23.05 4.62
O2 MPD J . 2.04 -21.67 4.91
CM MPD J . 2.94 -23.72 5.72
C3 MPD J . 0.71 -23.66 4.57
C4 MPD J . -0.36 -22.92 3.78
O4 MPD J . -0.61 -21.67 4.41
C5 MPD J . 0.04 -22.72 2.34
S DMS K . -15.61 -5.81 8.02
O DMS K . -16.74 -4.86 7.80
C1 DMS K . -15.54 -6.12 9.77
C2 DMS K . -14.10 -4.86 7.87
#